data_5M83
#
_entry.id   5M83
#
_cell.length_a   47.060
_cell.length_b   59.740
_cell.length_c   149.180
_cell.angle_alpha   90.00
_cell.angle_beta   96.32
_cell.angle_gamma   90.00
#
_symmetry.space_group_name_H-M   'C 1 2 1'
#
loop_
_entity.id
_entity.type
_entity.pdbx_description
1 polymer 'Eukaryotic translation initiation factor 4E'
2 non-polymer '[[[(2~{R},3~{S},4~{R},5~{R})-5-(6-aminopurin-9-yl)-3,4-bis(oxidanyl)oxolan-2-yl]methoxy-oxidanyl-phosphoryl]oxy-sulfanyl-phosphoryl] [(2~{R},3~{R},4~{R},5~{R})-5-(2-azanyl-7-methyl-6-oxidanyl-purin-7-ium-9-yl)-4-methoxy-3-oxidanyl-oxolan-2-yl]methyl hydrogen phosphate'
3 non-polymer GLYCEROL
4 water water
#
_entity_poly.entity_id   1
_entity_poly.type   'polypeptide(L)'
_entity_poly.pdbx_seq_one_letter_code
;VANPEHYIKHPLQNRWALWFFKNDKSKTWQANLRLISKFDTVEDFWALYNHIQLSSNLMPGCDYSLFKDGIEPMWEDEKN
KRGGRWLITLNKQQRRSDLDRFWLETLLCLIGESFDDYSDDVCGAVVNVRAKGDKIAIWTTECENRDAVTHIGRVYKERL
GLPPKIVIGYQSHADTATKSGSTTKNRFVV
;
_entity_poly.pdbx_strand_id   A,B
#
loop_
_chem_comp.id
_chem_comp.type
_chem_comp.name
_chem_comp.formula
GOL non-polymer GLYCEROL 'C3 H8 O3'
YDZ non-polymer '[[[(2~{R},3~{S},4~{R},5~{R})-5-(6-aminopurin-9-yl)-3,4-bis(oxidanyl)oxolan-2-yl]methoxy-oxidanyl-phosphoryl]oxy-sulfanyl-phosphoryl] [(2~{R},3~{R},4~{R},5~{R})-5-(2-azanyl-7-methyl-6-oxidanyl-purin-7-ium-9-yl)-4-methoxy-3-oxidanyl-oxolan-2-yl]methyl hydrogen phosphate' 'C22 H32 N10 O16 P3 S 1'
#
# COMPACT_ATOMS: atom_id res chain seq x y z
N PRO A 4 -11.96 25.09 15.89
CA PRO A 4 -10.52 24.79 15.78
C PRO A 4 -10.30 23.37 15.32
N GLU A 5 -11.31 22.52 15.53
CA GLU A 5 -11.23 21.17 14.97
C GLU A 5 -11.02 21.18 13.46
N HIS A 6 -11.15 22.34 12.81
CA HIS A 6 -11.07 22.43 11.36
C HIS A 6 -9.63 22.38 10.85
N TYR A 7 -8.68 22.97 11.56
CA TYR A 7 -7.35 23.19 10.98
C TYR A 7 -6.18 22.73 11.84
N ILE A 8 -6.40 22.28 13.07
CA ILE A 8 -5.32 21.78 13.92
C ILE A 8 -5.13 20.29 13.65
N LYS A 9 -3.88 19.84 13.56
CA LYS A 9 -3.63 18.40 13.58
C LYS A 9 -3.98 17.84 14.96
N HIS A 10 -4.24 16.55 15.01
CA HIS A 10 -4.63 15.92 16.26
CA HIS A 10 -4.62 15.93 16.26
C HIS A 10 -3.38 15.41 16.98
N PRO A 11 -2.98 16.02 18.08
CA PRO A 11 -1.75 15.59 18.75
C PRO A 11 -1.96 14.25 19.42
N LEU A 12 -0.93 13.42 19.37
CA LEU A 12 -0.94 12.14 20.04
C LEU A 12 -0.44 12.31 21.47
N GLN A 13 -0.75 11.32 22.30
CA GLN A 13 -0.32 11.40 23.70
CA GLN A 13 -0.32 11.40 23.70
C GLN A 13 1.19 11.45 23.80
N ASN A 14 1.90 10.68 22.97
CA ASN A 14 3.36 10.67 22.93
C ASN A 14 3.89 10.99 21.54
N ARG A 15 5.17 11.36 21.48
CA ARG A 15 5.90 11.50 20.23
C ARG A 15 6.66 10.21 20.02
N TRP A 16 6.59 9.68 18.80
CA TRP A 16 7.08 8.36 18.46
C TRP A 16 8.19 8.47 17.42
N ALA A 17 9.12 7.51 17.43
CA ALA A 17 10.19 7.43 16.45
C ALA A 17 10.06 6.08 15.76
N LEU A 18 10.14 6.08 14.43
CA LEU A 18 10.23 4.84 13.67
C LEU A 18 11.69 4.59 13.31
N TRP A 19 12.10 3.33 13.46
CA TRP A 19 13.46 2.90 13.22
C TRP A 19 13.44 1.82 12.17
N PHE A 20 14.54 1.73 11.45
CA PHE A 20 14.69 0.66 10.47
C PHE A 20 15.98 -0.06 10.75
N PHE A 21 15.97 -1.37 10.55
CA PHE A 21 17.14 -2.22 10.69
C PHE A 21 17.28 -3.00 9.40
N LYS A 22 18.48 -3.01 8.82
CA LYS A 22 18.75 -3.84 7.66
C LYS A 22 19.96 -4.69 7.98
N ASN A 23 19.83 -5.99 7.80
CA ASN A 23 20.93 -6.87 8.15
C ASN A 23 22.04 -6.71 7.11
N ASP A 24 23.18 -6.28 7.59
CA ASP A 24 24.39 -6.12 6.78
C ASP A 24 25.49 -6.72 7.65
N LYS A 25 26.06 -7.84 7.18
CA LYS A 25 27.06 -8.53 7.97
C LYS A 25 28.38 -7.78 8.05
N SER A 26 28.53 -6.70 7.28
CA SER A 26 29.72 -5.85 7.37
C SER A 26 29.76 -5.05 8.67
N LYS A 27 28.60 -4.86 9.32
CA LYS A 27 28.44 -3.90 10.40
C LYS A 27 27.99 -4.60 11.67
N THR A 28 28.23 -3.94 12.81
CA THR A 28 27.66 -4.42 14.04
C THR A 28 26.14 -4.30 14.02
N TRP A 29 25.50 -4.98 14.97
CA TRP A 29 24.06 -4.92 15.06
C TRP A 29 23.60 -3.50 15.33
N GLN A 30 24.21 -2.82 16.29
CA GLN A 30 23.81 -1.44 16.57
C GLN A 30 24.01 -0.54 15.35
N ALA A 31 25.06 -0.78 14.56
CA ALA A 31 25.33 0.09 13.41
C ALA A 31 24.31 -0.08 12.30
N ASN A 32 23.54 -1.14 12.33
CA ASN A 32 22.55 -1.43 11.31
C ASN A 32 21.20 -0.85 11.65
N LEU A 33 21.07 -0.26 12.83
CA LEU A 33 19.84 0.32 13.35
C LEU A 33 19.87 1.82 13.07
N ARG A 34 18.78 2.34 12.49
CA ARG A 34 18.78 3.72 12.02
C ARG A 34 17.40 4.34 12.24
N LEU A 35 17.39 5.56 12.73
CA LEU A 35 16.13 6.27 12.92
C LEU A 35 15.63 6.77 11.56
N ILE A 36 14.36 6.53 11.27
CA ILE A 36 13.74 6.98 10.03
C ILE A 36 13.20 8.39 10.22
N SER A 37 12.28 8.56 11.15
CA SER A 37 11.75 9.89 11.45
C SER A 37 10.88 9.79 12.68
N LYS A 38 10.47 10.95 13.17
CA LYS A 38 9.57 11.01 14.30
C LYS A 38 8.31 11.75 13.90
N PHE A 39 7.27 11.57 14.71
CA PHE A 39 5.97 12.21 14.52
C PHE A 39 5.27 12.27 15.87
N ASP A 40 4.31 13.22 16.00
CA ASP A 40 3.53 13.31 17.22
C ASP A 40 2.08 13.72 16.98
N THR A 41 1.57 13.54 15.76
CA THR A 41 0.16 13.78 15.46
C THR A 41 -0.37 12.58 14.67
N VAL A 42 -1.70 12.46 14.65
CA VAL A 42 -2.33 11.41 13.84
C VAL A 42 -2.00 11.60 12.37
N GLU A 43 -2.13 12.84 11.87
CA GLU A 43 -1.89 13.13 10.47
C GLU A 43 -0.47 12.77 10.05
N ASP A 44 0.50 13.11 10.88
CA ASP A 44 1.90 12.83 10.58
C ASP A 44 2.19 11.33 10.66
N PHE A 45 1.50 10.61 11.54
CA PHE A 45 1.63 9.16 11.55
C PHE A 45 1.23 8.57 10.20
N TRP A 46 0.07 8.96 9.68
CA TRP A 46 -0.42 8.33 8.46
C TRP A 46 0.41 8.77 7.25
N ALA A 47 0.85 10.03 7.22
CA ALA A 47 1.77 10.44 6.18
C ALA A 47 2.98 9.53 6.14
N LEU A 48 3.52 9.18 7.30
CA LEU A 48 4.69 8.31 7.34
C LEU A 48 4.32 6.89 6.94
N TYR A 49 3.26 6.33 7.53
CA TYR A 49 2.87 4.96 7.22
C TYR A 49 2.60 4.77 5.72
N ASN A 50 1.95 5.74 5.10
CA ASN A 50 1.55 5.62 3.70
C ASN A 50 2.73 5.75 2.75
N HIS A 51 3.89 6.18 3.26
CA HIS A 51 5.08 6.50 2.50
C HIS A 51 6.07 5.34 2.46
N ILE A 52 5.96 4.40 3.38
CA ILE A 52 6.99 3.39 3.55
C ILE A 52 6.45 2.02 3.11
N GLN A 53 7.39 1.10 2.96
CA GLN A 53 7.02 -0.27 2.55
C GLN A 53 6.21 -0.98 3.63
N LEU A 54 5.20 -1.76 3.20
CA LEU A 54 4.62 -2.74 4.11
C LEU A 54 5.70 -3.70 4.58
N SER A 55 5.55 -4.22 5.80
CA SER A 55 6.53 -5.15 6.35
C SER A 55 6.63 -6.40 5.50
N SER A 56 5.53 -6.79 4.88
CA SER A 56 5.55 -8.02 4.07
C SER A 56 6.36 -7.85 2.80
N ASN A 57 6.69 -6.62 2.42
CA ASN A 57 7.50 -6.34 1.24
CA ASN A 57 7.50 -6.35 1.23
C ASN A 57 8.96 -6.10 1.58
N LEU A 58 9.32 -6.13 2.86
CA LEU A 58 10.72 -5.92 3.24
C LEU A 58 11.55 -7.14 2.92
N MET A 59 12.82 -6.90 2.59
CA MET A 59 13.76 -7.99 2.43
C MET A 59 13.93 -8.73 3.75
N PRO A 60 14.12 -10.05 3.70
CA PRO A 60 14.41 -10.81 4.94
C PRO A 60 15.64 -10.29 5.64
N GLY A 61 15.51 -10.13 6.96
CA GLY A 61 16.56 -9.59 7.80
C GLY A 61 16.31 -8.16 8.24
N CYS A 62 15.23 -7.55 7.76
CA CYS A 62 14.90 -6.17 8.08
C CYS A 62 13.93 -6.11 9.26
N ASP A 63 13.97 -4.99 10.01
CA ASP A 63 13.03 -4.75 11.10
C ASP A 63 12.48 -3.35 10.97
N TYR A 64 11.25 -3.15 11.42
CA TYR A 64 10.80 -1.83 11.82
C TYR A 64 10.68 -1.79 13.33
N SER A 65 10.91 -0.62 13.94
CA SER A 65 10.66 -0.47 15.35
C SER A 65 10.01 0.90 15.57
N LEU A 66 8.94 0.95 16.36
CA LEU A 66 8.31 2.20 16.77
C LEU A 66 8.43 2.32 18.28
N PHE A 67 9.19 3.32 18.75
CA PHE A 67 9.42 3.48 20.17
C PHE A 67 9.11 4.92 20.56
N LYS A 68 8.78 5.10 21.82
CA LYS A 68 8.56 6.45 22.32
C LYS A 68 9.85 7.24 22.18
N ASP A 69 9.70 8.52 21.85
CA ASP A 69 10.84 9.39 21.66
C ASP A 69 11.69 9.36 22.91
N GLY A 70 12.99 9.11 22.72
CA GLY A 70 13.95 9.02 23.80
C GLY A 70 14.24 7.63 24.28
N ILE A 71 13.53 6.60 23.77
CA ILE A 71 13.83 5.19 24.04
C ILE A 71 14.36 4.58 22.76
N GLU A 72 15.63 4.14 22.78
CA GLU A 72 16.14 3.42 21.62
C GLU A 72 15.62 1.98 21.64
N PRO A 73 15.40 1.30 20.34
CA PRO A 73 14.82 -0.06 20.30
C PRO A 73 15.86 -1.16 20.53
N MET A 74 16.54 -1.08 21.66
CA MET A 74 17.54 -2.06 22.02
C MET A 74 17.45 -2.32 23.53
N TRP A 75 17.85 -3.53 23.91
CA TRP A 75 17.79 -3.96 25.30
C TRP A 75 18.51 -3.01 26.24
N GLU A 76 19.55 -2.35 25.73
CA GLU A 76 20.45 -1.62 26.61
C GLU A 76 19.88 -0.29 27.09
N ASP A 77 18.81 0.19 26.45
CA ASP A 77 18.23 1.44 26.88
C ASP A 77 17.75 1.31 28.32
N GLU A 78 17.90 2.40 29.09
CA GLU A 78 17.48 2.39 30.48
C GLU A 78 16.05 1.92 30.66
N LYS A 79 15.17 2.27 29.72
CA LYS A 79 13.76 1.90 29.80
C LYS A 79 13.48 0.49 29.29
N ASN A 80 14.46 -0.22 28.73
CA ASN A 80 14.27 -1.60 28.30
C ASN A 80 15.08 -2.62 29.09
N LYS A 81 16.11 -2.21 29.84
CA LYS A 81 17.01 -3.20 30.43
C LYS A 81 16.30 -4.11 31.43
N ARG A 82 15.27 -3.62 32.13
CA ARG A 82 14.53 -4.41 33.09
C ARG A 82 13.19 -4.91 32.55
N GLY A 83 12.97 -4.79 31.24
CA GLY A 83 11.69 -5.06 30.64
C GLY A 83 11.67 -6.37 29.88
N GLY A 84 10.72 -6.47 28.96
CA GLY A 84 10.57 -7.66 28.16
C GLY A 84 9.58 -7.39 27.06
N ARG A 85 9.08 -8.46 26.44
CA ARG A 85 8.22 -8.25 25.30
C ARG A 85 7.12 -9.30 25.26
N TRP A 86 5.93 -8.89 24.81
CA TRP A 86 4.92 -9.84 24.37
C TRP A 86 5.21 -10.23 22.93
N LEU A 87 5.45 -11.52 22.69
CA LEU A 87 6.00 -12.01 21.44
C LEU A 87 4.93 -12.72 20.61
N ILE A 88 4.79 -12.32 19.35
CA ILE A 88 3.91 -12.95 18.37
C ILE A 88 4.81 -13.62 17.35
N THR A 89 4.65 -14.92 17.15
CA THR A 89 5.44 -15.64 16.17
C THR A 89 4.57 -15.99 14.99
N LEU A 90 5.04 -15.70 13.79
CA LEU A 90 4.26 -15.90 12.58
C LEU A 90 4.93 -16.99 11.75
N ASN A 91 4.17 -18.00 11.36
CA ASN A 91 4.74 -18.96 10.44
C ASN A 91 4.87 -18.32 9.06
N LYS A 92 5.48 -19.06 8.13
CA LYS A 92 5.76 -18.52 6.81
C LYS A 92 4.50 -18.12 6.07
N GLN A 93 3.39 -18.82 6.33
CA GLN A 93 2.13 -18.50 5.67
C GLN A 93 1.50 -17.21 6.21
N GLN A 94 1.76 -16.88 7.48
CA GLN A 94 1.18 -15.67 8.07
C GLN A 94 1.87 -14.39 7.62
N ARG A 95 3.08 -14.47 7.06
CA ARG A 95 3.64 -13.35 6.32
C ARG A 95 2.59 -12.77 5.37
N ARG A 96 1.84 -13.66 4.72
CA ARG A 96 0.83 -13.21 3.77
C ARG A 96 -0.46 -12.81 4.46
N SER A 97 -0.90 -13.58 5.45
CA SER A 97 -2.26 -13.43 5.95
C SER A 97 -2.37 -12.39 7.06
N ASP A 98 -1.40 -12.35 7.97
CA ASP A 98 -1.56 -11.51 9.14
C ASP A 98 -0.45 -10.53 9.40
N LEU A 99 0.72 -10.64 8.75
CA LEU A 99 1.84 -9.81 9.17
C LEU A 99 1.49 -8.33 9.09
N ASP A 100 1.00 -7.88 7.93
CA ASP A 100 0.78 -6.44 7.78
C ASP A 100 -0.37 -5.96 8.65
N ARG A 101 -1.45 -6.74 8.77
CA ARG A 101 -2.58 -6.27 9.57
C ARG A 101 -2.25 -6.31 11.06
N PHE A 102 -1.52 -7.34 11.53
CA PHE A 102 -1.07 -7.40 12.93
C PHE A 102 -0.15 -6.23 13.25
N TRP A 103 0.78 -5.92 12.35
CA TRP A 103 1.69 -4.81 12.62
C TRP A 103 0.94 -3.48 12.69
N LEU A 104 0.02 -3.22 11.76
CA LEU A 104 -0.71 -1.96 11.83
C LEU A 104 -1.54 -1.88 13.11
N GLU A 105 -2.22 -2.98 13.48
CA GLU A 105 -2.96 -3.00 14.74
C GLU A 105 -2.04 -2.68 15.91
N THR A 106 -0.84 -3.27 15.91
CA THR A 106 0.14 -2.96 16.95
C THR A 106 0.53 -1.50 16.97
N LEU A 107 0.81 -0.93 15.79
CA LEU A 107 1.10 0.50 15.71
C LEU A 107 -0.01 1.31 16.35
N LEU A 108 -1.27 0.97 16.07
CA LEU A 108 -2.39 1.73 16.63
C LEU A 108 -2.54 1.51 18.13
N CYS A 109 -2.29 0.29 18.62
CA CYS A 109 -2.26 0.07 20.06
C CYS A 109 -1.26 0.99 20.75
N LEU A 110 -0.10 1.21 20.12
CA LEU A 110 0.89 2.13 20.69
C LEU A 110 0.41 3.57 20.64
N ILE A 111 0.17 4.10 19.44
CA ILE A 111 -0.07 5.54 19.35
C ILE A 111 -1.42 5.89 19.93
N GLY A 112 -2.34 4.94 19.93
CA GLY A 112 -3.63 5.17 20.53
C GLY A 112 -3.70 4.90 22.01
N GLU A 113 -2.59 4.46 22.61
CA GLU A 113 -2.49 4.26 24.06
C GLU A 113 -3.59 3.33 24.57
N SER A 114 -3.70 2.16 23.95
CA SER A 114 -4.88 1.33 24.13
C SER A 114 -4.85 0.51 25.41
N PHE A 115 -3.79 0.60 26.22
CA PHE A 115 -3.69 -0.25 27.41
C PHE A 115 -4.01 0.49 28.70
N ASP A 116 -4.86 1.51 28.65
CA ASP A 116 -5.44 2.15 29.84
C ASP A 116 -4.28 2.70 30.69
N ASP A 117 -4.33 2.51 32.00
CA ASP A 117 -3.32 3.07 32.90
C ASP A 117 -1.96 2.45 32.68
N TYR A 118 -1.89 1.31 32.01
CA TYR A 118 -0.64 0.61 31.82
C TYR A 118 0.06 0.98 30.50
N SER A 119 -0.50 1.90 29.72
CA SER A 119 0.15 2.36 28.51
C SER A 119 1.48 3.05 28.81
N ASP A 120 1.64 3.61 30.01
CA ASP A 120 2.92 4.19 30.42
C ASP A 120 4.02 3.15 30.53
N ASP A 121 3.67 1.87 30.70
CA ASP A 121 4.68 0.81 30.72
C ASP A 121 5.16 0.42 29.33
N VAL A 122 4.44 0.81 28.28
CA VAL A 122 4.85 0.46 26.94
C VAL A 122 6.03 1.31 26.51
N CYS A 123 7.05 0.66 25.95
CA CYS A 123 8.23 1.31 25.36
C CYS A 123 8.15 1.40 23.85
N GLY A 124 7.71 0.33 23.19
CA GLY A 124 7.60 0.35 21.76
C GLY A 124 7.22 -1.03 21.23
N ALA A 125 7.39 -1.21 19.93
CA ALA A 125 7.09 -2.50 19.32
C ALA A 125 8.05 -2.72 18.17
N VAL A 126 8.21 -3.99 17.79
CA VAL A 126 9.22 -4.35 16.80
C VAL A 126 8.58 -5.40 15.93
N VAL A 127 8.80 -5.31 14.61
CA VAL A 127 8.48 -6.42 13.72
C VAL A 127 9.79 -6.86 13.08
N ASN A 128 10.06 -8.15 13.13
CA ASN A 128 11.22 -8.76 12.48
C ASN A 128 10.71 -9.57 11.30
N VAL A 129 11.16 -9.23 10.11
CA VAL A 129 10.86 -9.94 8.89
C VAL A 129 12.01 -10.90 8.64
N ARG A 130 11.71 -12.22 8.64
CA ARG A 130 12.74 -13.26 8.60
C ARG A 130 12.28 -14.42 7.73
N ALA A 131 13.21 -14.99 6.97
CA ALA A 131 12.90 -16.17 6.16
C ALA A 131 12.37 -17.34 6.98
N LYS A 132 12.85 -17.51 8.21
CA LYS A 132 12.44 -18.68 8.98
C LYS A 132 11.12 -18.48 9.71
N GLY A 133 10.58 -17.26 9.67
CA GLY A 133 9.36 -16.94 10.38
C GLY A 133 9.44 -15.54 10.96
N ASP A 134 8.41 -14.74 10.78
CA ASP A 134 8.42 -13.36 11.24
C ASP A 134 8.02 -13.26 12.71
N LYS A 135 8.32 -12.10 13.31
CA LYS A 135 7.96 -11.86 14.70
C LYS A 135 7.47 -10.44 14.85
N ILE A 136 6.44 -10.25 15.68
CA ILE A 136 6.00 -8.94 16.11
C ILE A 136 5.98 -8.94 17.64
N ALA A 137 6.42 -7.85 18.27
CA ALA A 137 6.41 -7.86 19.72
C ALA A 137 6.18 -6.45 20.26
N ILE A 138 5.50 -6.37 21.40
CA ILE A 138 5.40 -5.14 22.17
C ILE A 138 6.37 -5.23 23.34
N TRP A 139 7.23 -4.21 23.48
CA TRP A 139 8.19 -4.11 24.57
C TRP A 139 7.65 -3.24 25.70
N THR A 140 7.80 -3.72 26.93
CA THR A 140 7.35 -3.04 28.13
C THR A 140 8.54 -2.83 29.06
N THR A 141 8.40 -1.94 30.03
CA THR A 141 9.59 -1.42 30.68
C THR A 141 10.07 -2.23 31.88
N GLU A 142 9.23 -3.09 32.44
CA GLU A 142 9.54 -3.73 33.72
C GLU A 142 8.85 -5.09 33.78
N CYS A 143 9.62 -6.16 33.61
CA CYS A 143 9.03 -7.49 33.52
C CYS A 143 8.52 -8.02 34.86
N GLU A 144 8.82 -7.35 35.97
CA GLU A 144 8.30 -7.80 37.26
C GLU A 144 6.98 -7.14 37.65
N ASN A 145 6.53 -6.14 36.90
CA ASN A 145 5.20 -5.58 37.14
C ASN A 145 4.19 -6.54 36.49
N ARG A 146 3.80 -7.55 37.27
CA ARG A 146 2.91 -8.59 36.75
C ARG A 146 1.59 -7.99 36.28
N ASP A 147 1.02 -7.08 37.07
CA ASP A 147 -0.25 -6.47 36.69
C ASP A 147 -0.17 -5.84 35.30
N ALA A 148 0.85 -4.99 35.10
CA ALA A 148 0.97 -4.28 33.82
C ALA A 148 1.25 -5.23 32.67
N VAL A 149 2.15 -6.19 32.86
CA VAL A 149 2.54 -7.10 31.79
C VAL A 149 1.36 -7.94 31.35
N THR A 150 0.73 -8.65 32.28
CA THR A 150 -0.40 -9.50 31.92
C THR A 150 -1.56 -8.69 31.34
N HIS A 151 -1.78 -7.47 31.84
CA HIS A 151 -2.88 -6.66 31.30
C HIS A 151 -2.61 -6.24 29.87
N ILE A 152 -1.40 -5.73 29.60
CA ILE A 152 -1.06 -5.44 28.21
C ILE A 152 -1.18 -6.68 27.35
N GLY A 153 -0.74 -7.83 27.87
CA GLY A 153 -0.79 -9.04 27.07
C GLY A 153 -2.21 -9.45 26.71
N ARG A 154 -3.14 -9.33 27.66
CA ARG A 154 -4.52 -9.69 27.38
C ARG A 154 -5.18 -8.72 26.40
N VAL A 155 -4.99 -7.42 26.59
CA VAL A 155 -5.54 -6.44 25.65
C VAL A 155 -5.00 -6.69 24.24
N TYR A 156 -3.69 -6.85 24.14
CA TYR A 156 -3.04 -7.05 22.85
C TYR A 156 -3.61 -8.26 22.12
N LYS A 157 -3.71 -9.39 22.80
CA LYS A 157 -4.19 -10.61 22.16
C LYS A 157 -5.62 -10.42 21.65
N GLU A 158 -6.43 -9.66 22.37
CA GLU A 158 -7.81 -9.42 21.93
C GLU A 158 -7.87 -8.46 20.75
N ARG A 159 -7.05 -7.41 20.77
CA ARG A 159 -7.06 -6.47 19.64
C ARG A 159 -6.54 -7.13 18.37
N LEU A 160 -5.59 -8.05 18.50
CA LEU A 160 -5.11 -8.82 17.37
C LEU A 160 -6.16 -9.81 16.85
N GLY A 161 -7.17 -10.12 17.66
CA GLY A 161 -8.17 -11.09 17.24
C GLY A 161 -7.72 -12.53 17.34
N LEU A 162 -6.76 -12.83 18.19
CA LEU A 162 -6.22 -14.18 18.26
C LEU A 162 -7.21 -15.09 18.95
N PRO A 163 -7.39 -16.31 18.45
CA PRO A 163 -8.35 -17.23 19.07
C PRO A 163 -7.92 -17.55 20.49
N PRO A 164 -8.88 -17.68 21.41
CA PRO A 164 -8.53 -18.06 22.79
C PRO A 164 -7.89 -19.45 22.88
N LYS A 165 -7.83 -20.18 21.77
CA LYS A 165 -7.08 -21.44 21.76
C LYS A 165 -5.59 -21.17 21.86
N ILE A 166 -5.12 -20.13 21.17
CA ILE A 166 -3.69 -19.85 21.06
C ILE A 166 -3.20 -19.17 22.33
N VAL A 167 -1.93 -19.38 22.66
CA VAL A 167 -1.28 -18.71 23.77
C VAL A 167 -0.09 -17.94 23.25
N ILE A 168 0.09 -16.74 23.78
CA ILE A 168 1.31 -15.97 23.54
C ILE A 168 2.06 -15.83 24.86
N GLY A 169 3.36 -15.57 24.75
CA GLY A 169 4.22 -15.53 25.91
C GLY A 169 5.00 -14.22 25.98
N TYR A 170 5.43 -13.91 27.19
CA TYR A 170 6.22 -12.71 27.47
C TYR A 170 7.55 -13.14 28.04
N GLN A 171 8.65 -12.65 27.45
CA GLN A 171 9.98 -13.00 27.92
C GLN A 171 10.76 -11.74 28.26
N SER A 172 11.62 -11.85 29.26
CA SER A 172 12.46 -10.72 29.63
C SER A 172 13.60 -10.57 28.62
N HIS A 173 14.01 -9.31 28.42
CA HIS A 173 15.16 -9.06 27.56
C HIS A 173 16.43 -9.69 28.14
N ALA A 174 16.55 -9.72 29.47
CA ALA A 174 17.72 -10.32 30.09
C ALA A 174 17.83 -11.80 29.74
N ASP A 175 16.71 -12.53 29.76
CA ASP A 175 16.75 -13.92 29.32
C ASP A 175 17.10 -14.02 27.83
N THR A 176 16.53 -13.12 27.02
CA THR A 176 16.71 -13.19 25.58
C THR A 176 18.15 -12.97 25.16
N ALA A 177 18.84 -12.07 25.86
CA ALA A 177 20.19 -11.64 25.50
C ALA A 177 21.26 -12.68 25.79
N THR A 178 20.95 -13.76 26.50
CA THR A 178 21.96 -14.68 26.99
C THR A 178 21.66 -16.13 26.62
N LYS A 185 12.84 -18.76 27.84
CA LYS A 185 11.52 -19.27 28.19
C LYS A 185 10.57 -18.12 28.52
N ASN A 186 9.31 -18.45 28.79
CA ASN A 186 8.30 -17.43 29.05
C ASN A 186 8.17 -17.17 30.55
N ARG A 187 7.96 -15.90 30.90
CA ARG A 187 7.63 -15.52 32.27
C ARG A 187 6.13 -15.46 32.49
N PHE A 188 5.40 -14.91 31.53
CA PHE A 188 3.94 -14.87 31.57
C PHE A 188 3.41 -15.45 30.27
N VAL A 189 2.17 -15.96 30.33
CA VAL A 189 1.44 -16.40 29.14
C VAL A 189 0.00 -15.93 29.29
N VAL A 190 -0.61 -15.59 28.16
CA VAL A 190 -2.05 -15.26 28.11
C VAL A 190 -2.67 -15.83 26.85
N PRO B 4 16.89 5.63 2.55
CA PRO B 4 15.66 5.74 1.76
C PRO B 4 15.35 4.50 0.92
N GLU B 5 16.33 4.02 0.17
CA GLU B 5 16.06 2.99 -0.83
C GLU B 5 15.47 1.72 -0.23
N HIS B 6 15.79 1.43 1.03
CA HIS B 6 15.47 0.13 1.59
C HIS B 6 14.01 0.00 1.99
N TYR B 7 13.38 1.09 2.41
CA TYR B 7 12.08 1.04 3.07
C TYR B 7 11.06 2.03 2.53
N ILE B 8 11.44 2.92 1.62
CA ILE B 8 10.52 3.89 1.05
C ILE B 8 9.91 3.31 -0.23
N LYS B 9 8.58 3.38 -0.32
CA LYS B 9 7.89 3.01 -1.57
C LYS B 9 8.34 3.92 -2.70
N HIS B 10 8.16 3.46 -3.93
CA HIS B 10 8.64 4.20 -5.09
C HIS B 10 7.55 5.09 -5.65
N PRO B 11 7.65 6.41 -5.52
CA PRO B 11 6.50 7.25 -5.86
C PRO B 11 6.29 7.37 -7.36
N LEU B 12 5.01 7.44 -7.74
CA LEU B 12 4.62 7.73 -9.10
C LEU B 12 4.50 9.22 -9.32
N GLN B 13 4.57 9.62 -10.58
CA GLN B 13 4.40 11.02 -10.93
C GLN B 13 3.00 11.50 -10.62
N ASN B 14 1.99 10.65 -10.81
CA ASN B 14 0.61 11.02 -10.57
C ASN B 14 -0.07 9.98 -9.68
N ARG B 15 -1.09 10.44 -8.96
CA ARG B 15 -2.02 9.53 -8.30
C ARG B 15 -3.08 9.12 -9.30
N TRP B 16 -3.31 7.82 -9.40
CA TRP B 16 -4.23 7.26 -10.36
C TRP B 16 -5.42 6.61 -9.64
N ALA B 17 -6.55 6.57 -10.33
CA ALA B 17 -7.77 5.96 -9.80
C ALA B 17 -8.18 4.84 -10.73
N LEU B 18 -8.41 3.66 -10.18
CA LEU B 18 -8.96 2.55 -10.95
C LEU B 18 -10.47 2.53 -10.79
N TRP B 19 -11.18 2.42 -11.90
CA TRP B 19 -12.64 2.39 -11.92
C TRP B 19 -13.13 1.09 -12.53
N PHE B 20 -14.31 0.66 -12.09
CA PHE B 20 -14.96 -0.52 -12.64
C PHE B 20 -16.38 -0.15 -13.06
N PHE B 21 -16.92 -0.94 -13.97
CA PHE B 21 -18.25 -0.75 -14.51
C PHE B 21 -18.83 -2.12 -14.81
N LYS B 22 -20.04 -2.38 -14.33
CA LYS B 22 -20.79 -3.56 -14.72
C LYS B 22 -22.05 -3.12 -15.44
N ASN B 23 -22.28 -3.69 -16.62
CA ASN B 23 -23.48 -3.37 -17.38
C ASN B 23 -24.72 -3.80 -16.60
N ASP B 24 -25.58 -2.83 -16.29
CA ASP B 24 -26.87 -3.11 -15.66
C ASP B 24 -27.88 -2.18 -16.30
N LYS B 25 -28.79 -2.76 -17.10
CA LYS B 25 -29.82 -1.96 -17.76
C LYS B 25 -30.77 -1.31 -16.76
N SER B 26 -30.81 -1.81 -15.52
CA SER B 26 -31.75 -1.27 -14.53
C SER B 26 -31.36 0.12 -14.05
N LYS B 27 -30.14 0.57 -14.33
CA LYS B 27 -29.65 1.84 -13.82
C LYS B 27 -29.12 2.69 -14.97
N THR B 28 -29.11 4.00 -14.76
CA THR B 28 -28.41 4.89 -15.66
C THR B 28 -26.94 4.51 -15.71
N TRP B 29 -26.32 4.71 -16.88
CA TRP B 29 -24.93 4.32 -17.05
C TRP B 29 -24.03 4.98 -16.01
N GLN B 30 -24.33 6.24 -15.66
CA GLN B 30 -23.54 6.94 -14.66
C GLN B 30 -23.57 6.20 -13.33
N ALA B 31 -24.72 5.60 -13.00
CA ALA B 31 -24.83 4.87 -11.74
C ALA B 31 -23.95 3.63 -11.71
N ASN B 32 -23.73 3.00 -12.87
CA ASN B 32 -22.96 1.76 -12.90
C ASN B 32 -21.46 1.96 -12.74
N LEU B 33 -20.98 3.20 -12.78
CA LEU B 33 -19.55 3.47 -12.62
C LEU B 33 -19.21 3.54 -11.13
N ARG B 34 -18.12 2.88 -10.74
CA ARG B 34 -17.77 2.76 -9.33
C ARG B 34 -16.26 2.86 -9.16
N LEU B 35 -15.82 3.72 -8.25
CA LEU B 35 -14.41 3.80 -7.93
C LEU B 35 -13.96 2.56 -7.17
N ILE B 36 -12.86 1.95 -7.61
CA ILE B 36 -12.29 0.81 -6.90
C ILE B 36 -11.34 1.32 -5.81
N SER B 37 -10.27 2.00 -6.20
CA SER B 37 -9.28 2.50 -5.25
C SER B 37 -8.28 3.38 -5.99
N LYS B 38 -7.43 4.04 -5.21
CA LYS B 38 -6.41 4.95 -5.70
C LYS B 38 -5.03 4.47 -5.26
N PHE B 39 -4.01 4.91 -5.97
CA PHE B 39 -2.62 4.57 -5.62
C PHE B 39 -1.69 5.62 -6.22
N ASP B 40 -0.50 5.74 -5.61
CA ASP B 40 0.48 6.66 -6.18
C ASP B 40 1.91 6.18 -6.01
N THR B 41 2.12 4.87 -5.88
CA THR B 41 3.44 4.27 -5.85
C THR B 41 3.42 3.02 -6.71
N VAL B 42 4.61 2.61 -7.15
CA VAL B 42 4.75 1.34 -7.89
C VAL B 42 4.20 0.18 -7.07
N GLU B 43 4.62 0.07 -5.81
CA GLU B 43 4.23 -1.06 -4.96
C GLU B 43 2.72 -1.12 -4.77
N ASP B 44 2.08 0.04 -4.58
CA ASP B 44 0.63 0.04 -4.43
C ASP B 44 -0.07 -0.27 -5.75
N PHE B 45 0.52 0.12 -6.88
CA PHE B 45 -0.06 -0.28 -8.15
C PHE B 45 -0.09 -1.80 -8.26
N TRP B 46 1.03 -2.45 -7.96
CA TRP B 46 1.10 -3.92 -8.12
C TRP B 46 0.18 -4.62 -7.13
N ALA B 47 0.10 -4.10 -5.90
CA ALA B 47 -0.82 -4.68 -4.92
C ALA B 47 -2.25 -4.65 -5.43
N LEU B 48 -2.63 -3.59 -6.13
CA LEU B 48 -3.97 -3.51 -6.70
C LEU B 48 -4.10 -4.43 -7.92
N TYR B 49 -3.13 -4.37 -8.84
CA TYR B 49 -3.21 -5.18 -10.05
C TYR B 49 -3.22 -6.67 -9.72
N ASN B 50 -2.46 -7.09 -8.69
CA ASN B 50 -2.33 -8.51 -8.39
C ASN B 50 -3.56 -9.11 -7.76
N HIS B 51 -4.46 -8.32 -7.19
CA HIS B 51 -5.59 -8.90 -6.50
C HIS B 51 -6.92 -8.74 -7.25
N ILE B 52 -6.92 -8.15 -8.44
CA ILE B 52 -8.15 -8.00 -9.21
C ILE B 52 -8.09 -8.92 -10.43
N GLN B 53 -9.26 -9.15 -11.02
CA GLN B 53 -9.39 -10.06 -12.15
C GLN B 53 -8.63 -9.52 -13.36
N LEU B 54 -8.02 -10.43 -14.12
CA LEU B 54 -7.59 -10.09 -15.47
C LEU B 54 -8.81 -9.67 -16.30
N SER B 55 -8.61 -8.70 -17.20
CA SER B 55 -9.70 -8.26 -18.07
C SER B 55 -10.26 -9.41 -18.89
N SER B 56 -9.41 -10.34 -19.28
CA SER B 56 -9.87 -11.46 -20.11
C SER B 56 -10.83 -12.38 -19.37
N ASN B 57 -11.02 -12.20 -18.06
CA ASN B 57 -11.96 -12.99 -17.30
C ASN B 57 -13.09 -12.19 -16.67
N LEU B 58 -13.30 -10.93 -17.06
CA LEU B 58 -14.47 -10.20 -16.59
C LEU B 58 -15.70 -10.60 -17.41
N MET B 59 -16.87 -10.36 -16.83
CA MET B 59 -18.13 -10.65 -17.53
C MET B 59 -18.31 -9.69 -18.71
N PRO B 60 -18.80 -10.18 -19.86
CA PRO B 60 -19.18 -9.28 -20.94
C PRO B 60 -20.02 -8.11 -20.42
N GLY B 61 -19.68 -6.91 -20.87
CA GLY B 61 -20.36 -5.71 -20.44
C GLY B 61 -19.69 -4.96 -19.32
N CYS B 62 -18.46 -5.34 -18.95
CA CYS B 62 -17.70 -4.71 -17.89
C CYS B 62 -16.52 -3.94 -18.47
N ASP B 63 -16.08 -2.93 -17.72
CA ASP B 63 -14.92 -2.16 -18.10
C ASP B 63 -14.06 -1.91 -16.87
N TYR B 64 -12.74 -1.84 -17.08
CA TYR B 64 -11.81 -1.17 -16.17
C TYR B 64 -11.44 0.19 -16.75
N SER B 65 -11.25 1.17 -15.87
CA SER B 65 -10.71 2.45 -16.32
C SER B 65 -9.70 2.91 -15.28
N LEU B 66 -8.51 3.28 -15.74
CA LEU B 66 -7.48 3.87 -14.88
C LEU B 66 -7.33 5.32 -15.30
N PHE B 67 -7.69 6.26 -14.42
CA PHE B 67 -7.60 7.66 -14.74
C PHE B 67 -6.85 8.42 -13.65
N LYS B 68 -6.13 9.46 -14.07
CA LYS B 68 -5.52 10.40 -13.16
C LYS B 68 -6.50 10.88 -12.11
N ASP B 69 -6.04 10.94 -10.86
CA ASP B 69 -6.89 11.40 -9.76
C ASP B 69 -7.52 12.75 -10.10
N GLY B 70 -8.83 12.83 -9.94
CA GLY B 70 -9.58 14.02 -10.25
C GLY B 70 -10.35 13.97 -11.55
N ILE B 71 -9.96 13.13 -12.50
CA ILE B 71 -10.63 13.03 -13.79
C ILE B 71 -11.55 11.82 -13.77
N GLU B 72 -12.84 12.05 -13.97
CA GLU B 72 -13.78 10.96 -14.07
C GLU B 72 -13.64 10.32 -15.46
N PRO B 73 -13.74 8.89 -15.56
CA PRO B 73 -13.59 8.24 -16.88
C PRO B 73 -14.83 8.41 -17.77
N MET B 74 -15.09 9.65 -18.22
CA MET B 74 -16.31 9.89 -18.98
C MET B 74 -16.18 11.15 -19.82
N TRP B 75 -17.02 11.24 -20.85
CA TRP B 75 -17.04 12.41 -21.72
C TRP B 75 -17.28 13.68 -20.92
N GLU B 76 -18.14 13.61 -19.91
CA GLU B 76 -18.64 14.81 -19.25
C GLU B 76 -17.61 15.50 -18.38
N ASP B 77 -16.47 14.87 -18.11
CA ASP B 77 -15.44 15.51 -17.31
C ASP B 77 -14.82 16.67 -18.09
N GLU B 78 -14.48 17.74 -17.37
CA GLU B 78 -13.87 18.90 -17.98
C GLU B 78 -12.62 18.53 -18.76
N LYS B 79 -11.86 17.55 -18.25
CA LYS B 79 -10.65 17.09 -18.90
C LYS B 79 -10.91 16.20 -20.10
N ASN B 80 -12.13 15.70 -20.26
CA ASN B 80 -12.47 14.85 -21.40
C ASN B 80 -13.52 15.45 -22.33
N LYS B 81 -14.00 16.66 -22.04
CA LYS B 81 -14.97 17.29 -22.95
C LYS B 81 -14.34 17.51 -24.32
N ARG B 82 -13.17 18.15 -24.36
CA ARG B 82 -12.51 18.48 -25.61
C ARG B 82 -11.52 17.42 -26.06
N GLY B 83 -11.53 16.23 -25.44
CA GLY B 83 -10.56 15.20 -25.72
C GLY B 83 -11.06 14.13 -26.66
N GLY B 84 -10.32 13.04 -26.71
CA GLY B 84 -10.65 11.92 -27.57
C GLY B 84 -10.00 10.68 -27.04
N ARG B 85 -9.74 9.73 -27.94
CA ARG B 85 -9.13 8.47 -27.52
C ARG B 85 -8.37 7.84 -28.68
N TRP B 86 -7.20 7.29 -28.38
CA TRP B 86 -6.53 6.33 -29.25
C TRP B 86 -7.09 4.94 -28.96
N LEU B 87 -7.70 4.32 -29.95
CA LEU B 87 -8.51 3.12 -29.74
C LEU B 87 -7.88 1.91 -30.41
N ILE B 88 -7.85 0.80 -29.68
CA ILE B 88 -7.37 -0.49 -30.17
C ILE B 88 -8.58 -1.41 -30.28
N THR B 89 -8.75 -2.03 -31.45
CA THR B 89 -9.83 -2.97 -31.69
C THR B 89 -9.29 -4.40 -31.61
N LEU B 90 -9.91 -5.22 -30.77
CA LEU B 90 -9.57 -6.63 -30.61
C LEU B 90 -10.68 -7.50 -31.17
N ASN B 91 -10.32 -8.66 -31.68
CA ASN B 91 -11.33 -9.60 -32.16
C ASN B 91 -11.59 -10.65 -31.09
N LYS B 92 -12.42 -11.64 -31.44
CA LYS B 92 -12.78 -12.67 -30.47
C LYS B 92 -11.57 -13.50 -30.07
N GLN B 93 -10.61 -13.70 -30.98
CA GLN B 93 -9.43 -14.49 -30.66
C GLN B 93 -8.43 -13.69 -29.83
N GLN B 94 -8.23 -12.41 -30.14
CA GLN B 94 -7.25 -11.62 -29.41
C GLN B 94 -7.63 -11.39 -27.95
N ARG B 95 -8.85 -11.71 -27.53
CA ARG B 95 -9.13 -11.74 -26.09
C ARG B 95 -8.20 -12.72 -25.39
N ARG B 96 -7.94 -13.87 -26.02
CA ARG B 96 -7.04 -14.83 -25.42
C ARG B 96 -5.59 -14.42 -25.59
N SER B 97 -5.23 -13.88 -26.76
CA SER B 97 -3.85 -13.69 -27.16
C SER B 97 -3.26 -12.35 -26.75
N ASP B 98 -4.06 -11.29 -26.65
CA ASP B 98 -3.50 -9.94 -26.55
C ASP B 98 -4.08 -9.11 -25.40
N LEU B 99 -5.33 -9.37 -25.03
CA LEU B 99 -6.08 -8.41 -24.22
C LEU B 99 -5.35 -8.09 -22.92
N ASP B 100 -4.94 -9.12 -22.17
CA ASP B 100 -4.30 -8.89 -20.88
C ASP B 100 -2.92 -8.25 -21.04
N ARG B 101 -2.11 -8.79 -21.96
CA ARG B 101 -0.78 -8.22 -22.15
C ARG B 101 -0.86 -6.77 -22.62
N PHE B 102 -1.75 -6.48 -23.57
CA PHE B 102 -1.92 -5.11 -24.04
C PHE B 102 -2.41 -4.21 -22.91
N TRP B 103 -3.35 -4.70 -22.10
CA TRP B 103 -3.90 -3.84 -21.03
C TRP B 103 -2.85 -3.54 -19.98
N LEU B 104 -2.02 -4.52 -19.63
CA LEU B 104 -0.99 -4.27 -18.63
C LEU B 104 0.04 -3.27 -19.16
N GLU B 105 0.49 -3.44 -20.40
CA GLU B 105 1.47 -2.50 -20.93
C GLU B 105 0.88 -1.10 -21.02
N THR B 106 -0.41 -1.00 -21.38
CA THR B 106 -1.10 0.29 -21.34
C THR B 106 -1.01 0.91 -19.95
N LEU B 107 -1.42 0.15 -18.92
CA LEU B 107 -1.34 0.64 -17.55
C LEU B 107 0.06 1.12 -17.22
N LEU B 108 1.08 0.37 -17.64
CA LEU B 108 2.46 0.73 -17.36
C LEU B 108 2.87 1.99 -18.12
N CYS B 109 2.38 2.13 -19.36
CA CYS B 109 2.63 3.36 -20.11
C CYS B 109 2.06 4.57 -19.41
N LEU B 110 0.95 4.41 -18.70
CA LEU B 110 0.36 5.55 -17.99
C LEU B 110 1.13 5.87 -16.72
N ILE B 111 1.26 4.91 -15.81
CA ILE B 111 1.88 5.21 -14.53
C ILE B 111 3.36 5.51 -14.66
N GLY B 112 4.00 4.99 -15.71
CA GLY B 112 5.39 5.28 -15.98
C GLY B 112 5.66 6.55 -16.77
N GLU B 113 4.61 7.28 -17.16
CA GLU B 113 4.75 8.53 -17.89
C GLU B 113 5.59 8.34 -19.15
N SER B 114 5.25 7.32 -19.93
CA SER B 114 6.07 6.90 -21.05
C SER B 114 6.09 7.91 -22.19
N PHE B 115 5.24 8.93 -22.17
CA PHE B 115 5.01 9.77 -23.34
C PHE B 115 5.70 11.12 -23.25
N ASP B 116 6.76 11.22 -22.46
CA ASP B 116 7.73 12.34 -22.52
C ASP B 116 6.99 13.63 -22.17
N ASP B 117 7.30 14.73 -22.87
CA ASP B 117 6.71 16.02 -22.53
C ASP B 117 5.19 16.05 -22.73
N TYR B 118 4.65 15.16 -23.56
CA TYR B 118 3.22 15.09 -23.78
C TYR B 118 2.53 14.09 -22.84
N SER B 119 3.21 13.64 -21.79
CA SER B 119 2.56 12.79 -20.80
C SER B 119 1.46 13.54 -20.07
N ASP B 120 1.62 14.85 -19.90
CA ASP B 120 0.61 15.66 -19.24
C ASP B 120 -0.70 15.75 -20.02
N ASP B 121 -0.71 15.36 -21.29
CA ASP B 121 -1.94 15.33 -22.06
C ASP B 121 -2.75 14.06 -21.84
N VAL B 122 -2.16 13.02 -21.26
CA VAL B 122 -2.85 11.76 -21.02
C VAL B 122 -3.82 11.94 -19.86
N CYS B 123 -5.05 11.47 -20.04
CA CYS B 123 -6.05 11.49 -18.98
C CYS B 123 -6.26 10.13 -18.32
N GLY B 124 -6.32 9.07 -19.11
CA GLY B 124 -6.54 7.75 -18.55
C GLY B 124 -6.62 6.73 -19.67
N ALA B 125 -7.01 5.51 -19.30
CA ALA B 125 -7.22 4.43 -20.25
C ALA B 125 -8.46 3.64 -19.86
N VAL B 126 -9.04 2.97 -20.86
CA VAL B 126 -10.27 2.22 -20.70
C VAL B 126 -10.08 0.88 -21.41
N VAL B 127 -10.49 -0.20 -20.77
CA VAL B 127 -10.64 -1.50 -21.42
C VAL B 127 -12.11 -1.90 -21.35
N ASN B 128 -12.68 -2.23 -22.50
CA ASN B 128 -14.05 -2.71 -22.57
C ASN B 128 -14.03 -4.17 -22.95
N VAL B 129 -14.66 -5.00 -22.12
CA VAL B 129 -14.83 -6.43 -22.39
C VAL B 129 -16.25 -6.59 -22.92
N ARG B 130 -16.36 -7.02 -24.18
CA ARG B 130 -17.63 -7.12 -24.87
C ARG B 130 -17.66 -8.39 -25.71
N ALA B 131 -18.87 -8.89 -25.95
CA ALA B 131 -19.05 -10.12 -26.73
C ALA B 131 -18.62 -9.91 -28.19
N LYS B 132 -19.04 -8.80 -28.78
CA LYS B 132 -18.69 -8.52 -30.17
C LYS B 132 -17.20 -8.27 -30.38
N GLY B 133 -16.45 -8.05 -29.30
CA GLY B 133 -15.03 -7.75 -29.41
C GLY B 133 -14.58 -6.69 -28.42
N ASP B 134 -13.39 -6.87 -27.86
CA ASP B 134 -12.90 -6.01 -26.79
C ASP B 134 -12.24 -4.76 -27.36
N LYS B 135 -12.14 -3.73 -26.52
CA LYS B 135 -11.53 -2.46 -26.88
C LYS B 135 -10.61 -2.01 -25.75
N ILE B 136 -9.45 -1.48 -26.11
CA ILE B 136 -8.55 -0.80 -25.18
C ILE B 136 -8.21 0.57 -25.76
N ALA B 137 -8.24 1.61 -24.92
CA ALA B 137 -8.05 2.95 -25.44
C ALA B 137 -7.37 3.82 -24.39
N ILE B 138 -6.49 4.69 -24.85
CA ILE B 138 -5.92 5.75 -24.04
C ILE B 138 -6.62 7.05 -24.42
N TRP B 139 -7.19 7.72 -23.42
CA TRP B 139 -7.85 8.99 -23.63
C TRP B 139 -6.85 10.12 -23.40
N THR B 140 -6.86 11.12 -24.28
CA THR B 140 -6.09 12.34 -24.11
C THR B 140 -7.05 13.53 -23.95
N THR B 141 -6.48 14.70 -23.69
CA THR B 141 -7.23 15.82 -23.16
C THR B 141 -7.75 16.79 -24.24
N GLU B 142 -7.07 16.92 -25.37
CA GLU B 142 -7.47 17.89 -26.38
C GLU B 142 -7.13 17.33 -27.75
N CYS B 143 -8.17 17.00 -28.53
CA CYS B 143 -7.95 16.44 -29.86
C CYS B 143 -7.38 17.46 -30.83
N GLU B 144 -7.46 18.76 -30.51
CA GLU B 144 -6.87 19.79 -31.35
C GLU B 144 -5.35 19.87 -31.22
N ASN B 145 -4.79 19.28 -30.16
CA ASN B 145 -3.33 19.23 -29.99
C ASN B 145 -2.80 18.07 -30.81
N ARG B 146 -2.60 18.33 -32.11
CA ARG B 146 -2.17 17.29 -33.03
C ARG B 146 -0.74 16.84 -32.75
N ASP B 147 0.12 17.74 -32.24
CA ASP B 147 1.50 17.36 -31.96
C ASP B 147 1.57 16.29 -30.88
N ALA B 148 0.84 16.50 -29.78
CA ALA B 148 0.87 15.52 -28.69
C ALA B 148 0.17 14.24 -29.09
N VAL B 149 -0.93 14.34 -29.83
CA VAL B 149 -1.76 13.17 -30.12
C VAL B 149 -1.01 12.15 -30.97
N THR B 150 -0.27 12.62 -31.97
CA THR B 150 0.47 11.69 -32.81
C THR B 150 1.66 11.09 -32.07
N HIS B 151 2.29 11.87 -31.19
CA HIS B 151 3.42 11.35 -30.42
C HIS B 151 2.97 10.27 -29.45
N ILE B 152 1.87 10.51 -28.74
CA ILE B 152 1.30 9.49 -27.87
C ILE B 152 0.90 8.27 -28.69
N GLY B 153 0.26 8.50 -29.84
CA GLY B 153 -0.14 7.39 -30.68
C GLY B 153 1.05 6.55 -31.13
N ARG B 154 2.13 7.20 -31.54
CA ARG B 154 3.27 6.48 -32.08
C ARG B 154 3.98 5.68 -31.00
N VAL B 155 4.24 6.30 -29.85
CA VAL B 155 4.91 5.59 -28.76
C VAL B 155 4.08 4.40 -28.32
N TYR B 156 2.76 4.58 -28.24
CA TYR B 156 1.85 3.48 -27.91
C TYR B 156 2.09 2.27 -28.78
N LYS B 157 2.03 2.47 -30.11
CA LYS B 157 2.24 1.37 -31.05
C LYS B 157 3.62 0.76 -30.88
N GLU B 158 4.62 1.58 -30.53
CA GLU B 158 5.96 1.05 -30.30
C GLU B 158 6.01 0.20 -29.03
N ARG B 159 5.23 0.56 -28.01
CA ARG B 159 5.27 -0.17 -26.74
C ARG B 159 4.39 -1.42 -26.77
N LEU B 160 3.39 -1.48 -27.64
CA LEU B 160 2.59 -2.69 -27.81
C LEU B 160 3.25 -3.71 -28.73
N GLY B 161 4.26 -3.30 -29.49
CA GLY B 161 4.91 -4.23 -30.40
C GLY B 161 4.11 -4.58 -31.62
N LEU B 162 3.12 -3.76 -31.97
CA LEU B 162 2.32 -3.98 -33.16
C LEU B 162 3.11 -3.68 -34.41
N LYS B 165 2.22 -1.64 -39.74
CA LYS B 165 1.21 -2.00 -40.72
C LYS B 165 -0.18 -1.98 -40.10
N ILE B 166 -0.30 -2.52 -38.89
CA ILE B 166 -1.56 -2.50 -38.15
C ILE B 166 -1.80 -1.07 -37.67
N VAL B 167 -2.82 -0.41 -38.23
CA VAL B 167 -3.08 1.01 -37.99
C VAL B 167 -4.12 1.16 -36.89
N ILE B 168 -3.87 2.10 -35.97
CA ILE B 168 -4.83 2.45 -34.93
C ILE B 168 -5.41 3.82 -35.25
N GLY B 169 -6.62 4.06 -34.74
CA GLY B 169 -7.35 5.27 -35.09
C GLY B 169 -7.74 6.16 -33.92
N TYR B 170 -7.51 7.47 -34.05
CA TYR B 170 -7.80 8.43 -32.99
C TYR B 170 -9.16 9.06 -33.24
N GLN B 171 -10.06 8.93 -32.28
CA GLN B 171 -11.42 9.42 -32.39
C GLN B 171 -11.67 10.47 -31.33
N SER B 172 -12.35 11.55 -31.72
CA SER B 172 -12.78 12.55 -30.75
C SER B 172 -13.97 11.99 -29.96
N HIS B 173 -14.01 12.31 -28.67
CA HIS B 173 -15.18 11.93 -27.88
C HIS B 173 -16.43 12.61 -28.42
N ALA B 174 -16.30 13.83 -28.95
CA ALA B 174 -17.45 14.54 -29.51
C ALA B 174 -18.17 13.69 -30.55
N ASP B 175 -17.41 12.99 -31.39
CA ASP B 175 -18.02 12.10 -32.38
C ASP B 175 -18.76 10.96 -31.69
N THR B 176 -18.11 10.29 -30.74
CA THR B 176 -18.74 9.20 -30.02
C THR B 176 -19.87 9.72 -29.16
C1 YDZ C . 21.97 -5.88 21.17
C2 YDZ C . 19.06 -8.15 18.70
C3 YDZ C . 20.73 -7.24 19.76
C4 YDZ C . 19.56 -6.66 20.19
C5 YDZ C . 19.62 -5.65 21.15
O4 YDZ C . 15.31 -15.00 17.64
P1 YDZ C . 16.41 -15.49 16.57
O5 YDZ C . 16.29 -16.98 16.36
O6 YDZ C . 17.78 -15.16 17.11
O7 YDZ C . 16.19 -14.78 15.13
P2 YDZ C . 16.04 -13.18 14.92
O8 YDZ C . 16.73 -12.77 13.68
S1 YDZ C . 14.06 -12.64 14.77
O9 YDZ C . 16.66 -12.47 16.22
P3 YDZ C . 16.96 -10.90 16.40
O10 YDZ C . 15.91 -10.27 17.27
O11 YDZ C . 17.21 -10.25 15.08
O12 YDZ C . 18.36 -10.89 17.19
C16 YDZ C . 19.44 -11.58 16.59
C17 YDZ C . 20.69 -11.02 17.24
O13 YDZ C . 20.78 -9.61 17.01
C18 YDZ C . 20.64 -11.16 18.75
O14 YDZ C . 20.95 -12.50 19.18
C19 YDZ C . 21.67 -10.11 19.14
O15 YDZ C . 22.99 -10.61 18.90
C20 YDZ C . 24.01 -9.64 19.16
C21 YDZ C . 21.37 -9.00 18.16
N6 YDZ C . 20.40 -8.14 18.84
N7 YDZ C . 18.52 -7.24 19.54
C22 YDZ C . 17.06 -6.99 19.61
N8 YDZ C . 21.92 -6.85 20.24
N9 YDZ C . 23.18 -5.51 21.66
N10 YDZ C . 20.84 -5.29 21.62
O16 YDZ C . 18.53 -5.00 21.66
C1 GOL D . 0.91 -16.14 18.18
O1 GOL D . 2.29 -16.42 18.37
C2 GOL D . 0.33 -16.93 17.02
O2 GOL D . 1.25 -17.89 16.57
C3 GOL D . -0.03 -15.99 15.88
O3 GOL D . -0.55 -16.73 14.80
C1 YDZ E . -22.08 8.77 -20.60
C2 YDZ E . -20.53 5.07 -22.52
C3 YDZ E . -21.65 6.72 -21.65
C4 YDZ E . -20.30 6.98 -21.58
C5 YDZ E . -19.84 8.17 -21.01
O4 YDZ E . -17.85 0.94 -28.64
P1 YDZ E . -19.33 0.65 -29.22
O5 YDZ E . -19.17 0.06 -30.61
O6 YDZ E . -20.11 1.94 -29.25
O7 YDZ E . -20.09 -0.41 -28.27
P2 YDZ E . -19.96 -0.25 -26.67
O8 YDZ E . -21.17 -0.74 -25.99
S1 YDZ E . -18.28 -1.27 -25.98
O9 YDZ E . -19.71 1.32 -26.40
P3 YDZ E . -19.42 1.89 -24.93
O10 YDZ E . -18.14 2.69 -24.95
O11 YDZ E . -19.37 0.77 -23.93
O12 YDZ E . -20.69 2.82 -24.59
C16 YDZ E . -21.99 2.25 -24.75
C17 YDZ E . -23.05 3.19 -24.20
O13 YDZ E . -22.87 3.44 -22.81
C18 YDZ E . -23.06 4.55 -24.87
O14 YDZ E . -23.86 4.56 -26.05
C19 YDZ E . -23.64 5.44 -23.80
O15 YDZ E . -25.06 5.31 -23.81
C20 YDZ E . -25.68 6.08 -22.79
C21 YDZ E . -23.07 4.83 -22.52
N6 YDZ E . -21.78 5.51 -22.23
N7 YDZ E . -19.62 5.96 -22.11
C22 YDZ E . -18.15 5.80 -22.26
N8 YDZ E . -22.53 7.62 -21.15
N9 YDZ E . -22.98 9.66 -20.11
N10 YDZ E . -20.76 9.04 -20.53
O16 YDZ E . -18.51 8.47 -20.91
#